data_9KKJ
#
_entry.id   9KKJ
#
_cell.length_a   1.00
_cell.length_b   1.00
_cell.length_c   1.00
_cell.angle_alpha   90.00
_cell.angle_beta   90.00
_cell.angle_gamma   90.00
#
_symmetry.space_group_name_H-M   'P 1'
#
loop_
_entity.id
_entity.type
_entity.pdbx_description
1 polymer '9MW2821 mAb Fab Light chain'
2 polymer '9MW2821 mAb Fab Heavy Chain'
3 polymer Nectin-4
#
loop_
_entity_poly.entity_id
_entity_poly.type
_entity_poly.pdbx_seq_one_letter_code
_entity_poly.pdbx_strand_id
1 'polypeptide(L)'
;DIVMTQSPDSLAVSLGERATINCKSSQSLLNTYSQKNYLAWYQQKPGQPPKLLIYFASTRESGVPDRFSGSGSGTDFTLT
ISSLQAEDVAVYYCQQHYNTPFTFGGGTKVEIKRTVAAPSVFIFPPSDEQLKSGTASVVCLLNNFYPREAKVQWKVDNAL
QSGNSQESVTEQDSKDSTYSLSSTLTLSKADYEKHKVYACEVTHQGLSSPVTKSFNRG
;
L
2 'polypeptide(L)'
;EVQLQESGPGLVKPSETLSLTCTVSGFSLIDYGVSWIRQPPGKGLEWIGVIWGGGKIYYNSVLKSRVTISKDNSKSQVSL
KLSSVTAADTAVYYCAKQGGLLFYAMDYWGQGTLVTVSSASTKGPSVFPLAPSSKSTSGGTAALGCLVKDYFPEPVTVSW
NSGALTSGVHTFPAVLQSSGLYSLSSVVTVPSSSLGTQTYICNVNHKPSNTKVDKRVEPK
;
H
3 'polypeptide(L)'
;GELETSDVVTVVLGQDAKLPCFYRGDSGEQVGQVAWARVDAGEGAQELALLHSKYGLHVSPAYEGRVEQPPPPRNPLDGS
VLLRNAVQADEGEYECRVSTFPAGSFQARLRLRV
;
A
#
# COMPACT_ATOMS: atom_id res chain seq x y z
N ASP A 1 16.58 5.23 -13.32
CA ASP A 1 15.81 5.28 -12.09
C ASP A 1 15.68 6.71 -11.60
N ILE A 2 14.53 7.31 -11.86
CA ILE A 2 14.30 8.65 -11.39
C ILE A 2 14.09 8.58 -9.89
N VAL A 3 14.84 9.37 -9.14
CA VAL A 3 14.69 9.38 -7.70
C VAL A 3 13.72 10.46 -7.29
N MET A 4 12.65 10.07 -6.61
CA MET A 4 11.64 11.01 -6.20
C MET A 4 11.75 11.27 -4.70
N THR A 5 12.05 12.51 -4.33
CA THR A 5 12.20 12.84 -2.92
C THR A 5 11.10 13.77 -2.44
N GLN A 6 10.14 13.24 -1.69
CA GLN A 6 9.10 14.08 -1.12
C GLN A 6 9.65 14.83 0.06
N SER A 7 8.98 15.90 0.44
CA SER A 7 9.46 16.78 1.47
C SER A 7 8.38 17.76 1.81
N PRO A 8 8.04 17.89 3.10
CA PRO A 8 8.65 17.27 4.26
C PRO A 8 8.14 15.85 4.47
N ASP A 9 8.76 15.13 5.39
CA ASP A 9 8.33 13.77 5.72
C ASP A 9 6.96 13.75 6.38
N SER A 10 6.70 14.71 7.25
CA SER A 10 5.45 14.75 7.99
C SER A 10 4.93 16.17 8.12
N LEU A 11 3.62 16.34 8.06
CA LEU A 11 3.02 17.66 8.00
C LEU A 11 1.78 17.74 8.87
N ALA A 12 1.67 18.84 9.61
CA ALA A 12 0.56 19.09 10.53
C ALA A 12 -0.14 20.39 10.15
N VAL A 13 -1.45 20.34 9.95
CA VAL A 13 -2.20 21.50 9.53
C VAL A 13 -3.56 21.45 10.13
N SER A 14 -4.17 22.59 10.39
CA SER A 14 -5.54 22.64 10.90
C SER A 14 -6.57 22.32 9.85
N LEU A 15 -7.82 22.21 10.25
CA LEU A 15 -8.81 21.67 9.34
C LEU A 15 -8.97 22.53 8.08
N GLY A 16 -9.17 23.83 8.24
CA GLY A 16 -9.38 24.71 7.11
C GLY A 16 -8.17 24.93 6.24
N GLU A 17 -7.00 24.93 6.87
CA GLU A 17 -5.76 25.42 6.26
C GLU A 17 -5.25 24.64 5.05
N ARG A 18 -4.47 25.31 4.22
CA ARG A 18 -3.77 24.68 3.12
C ARG A 18 -2.69 23.69 3.53
N ALA A 19 -2.52 22.65 2.73
CA ALA A 19 -1.41 21.75 2.88
C ALA A 19 -0.64 21.72 1.59
N THR A 20 0.68 21.65 1.68
CA THR A 20 1.52 21.55 0.51
C THR A 20 2.54 20.47 0.74
N ILE A 21 2.68 19.57 -0.21
CA ILE A 21 3.52 18.42 -0.05
C ILE A 21 4.42 18.40 -1.26
N ASN A 22 5.44 19.24 -1.25
CA ASN A 22 6.40 19.26 -2.35
C ASN A 22 7.01 17.90 -2.67
N CYS A 23 7.51 17.74 -3.90
CA CYS A 23 8.13 16.49 -4.31
C CYS A 23 9.17 16.82 -5.37
N LYS A 24 10.30 16.12 -5.35
CA LYS A 24 11.38 16.43 -6.30
C LYS A 24 11.84 15.21 -7.06
N SER A 25 12.35 15.40 -8.28
CA SER A 25 12.77 14.28 -9.10
C SER A 25 14.17 14.53 -9.64
N SER A 26 15.05 13.55 -9.51
CA SER A 26 16.40 13.68 -10.01
C SER A 26 16.36 14.01 -11.50
N GLN A 27 15.28 13.58 -12.15
CA GLN A 27 15.12 13.85 -13.57
C GLN A 27 13.81 14.61 -13.80
N SER A 28 13.82 15.55 -14.76
CA SER A 28 12.63 16.29 -15.13
C SER A 28 11.59 15.29 -15.63
N LEU A 29 10.33 15.61 -15.39
CA LEU A 29 9.27 14.70 -15.78
C LEU A 29 8.50 15.45 -16.84
N LEU A 30 9.24 16.13 -17.72
CA LEU A 30 8.63 16.96 -18.73
C LEU A 30 8.93 16.55 -20.17
N ASN A 31 7.91 16.50 -21.01
CA ASN A 31 8.13 16.24 -22.42
C ASN A 31 7.89 17.54 -23.11
N THR A 32 8.95 18.21 -23.53
CA THR A 32 8.85 19.53 -24.15
C THR A 32 7.90 19.49 -25.33
N TYR A 33 8.01 18.43 -26.13
CA TYR A 33 7.14 18.27 -27.28
C TYR A 33 5.67 18.28 -26.88
N SER A 34 5.37 17.65 -25.75
CA SER A 34 3.99 17.44 -25.35
C SER A 34 3.52 18.48 -24.36
N GLN A 35 4.45 19.14 -23.72
CA GLN A 35 4.13 20.09 -22.67
C GLN A 35 3.26 19.44 -21.60
N LYS A 36 3.51 18.16 -21.36
CA LYS A 36 2.92 17.49 -20.22
C LYS A 36 3.99 17.11 -19.22
N ASN A 37 3.66 17.27 -17.95
CA ASN A 37 4.53 16.82 -16.88
C ASN A 37 3.89 15.62 -16.23
N TYR A 38 4.62 14.52 -16.13
CA TYR A 38 4.04 13.25 -15.71
C TYR A 38 4.45 12.86 -14.29
N LEU A 39 3.57 13.16 -13.36
CA LEU A 39 3.84 12.88 -11.97
C LEU A 39 2.49 12.63 -11.33
N ALA A 40 2.36 11.59 -10.54
CA ALA A 40 1.03 11.28 -10.09
C ALA A 40 1.02 11.28 -8.59
N TRP A 41 -0.02 11.79 -7.96
CA TRP A 41 -0.01 11.83 -6.52
C TRP A 41 -0.97 10.78 -6.03
N TYR A 42 -0.55 9.93 -5.11
CA TYR A 42 -1.50 8.99 -4.57
C TYR A 42 -2.00 9.29 -3.17
N GLN A 43 -2.80 8.43 -2.61
CA GLN A 43 -3.29 8.67 -1.28
C GLN A 43 -3.54 7.42 -0.42
N GLN A 44 -2.45 6.88 0.12
CA GLN A 44 -2.59 5.62 0.84
C GLN A 44 -3.12 5.92 2.25
N LYS A 45 -4.43 5.99 2.35
CA LYS A 45 -5.00 6.26 3.66
C LYS A 45 -4.63 5.08 4.56
N PRO A 46 -4.79 5.17 5.89
CA PRO A 46 -4.47 4.03 6.74
C PRO A 46 -5.19 2.73 6.39
N GLY A 47 -4.38 1.70 6.13
CA GLY A 47 -4.80 0.34 5.82
C GLY A 47 -5.61 0.20 4.53
N GLN A 48 -5.15 0.86 3.46
CA GLN A 48 -5.82 0.74 2.17
C GLN A 48 -4.83 0.84 0.99
N PRO A 49 -5.15 0.26 -0.19
CA PRO A 49 -4.26 0.36 -1.35
C PRO A 49 -4.22 1.81 -1.85
N PRO A 50 -3.04 2.31 -2.26
CA PRO A 50 -2.88 3.69 -2.74
C PRO A 50 -3.95 4.04 -3.75
N LYS A 51 -4.39 5.29 -3.78
CA LYS A 51 -5.40 5.73 -4.74
C LYS A 51 -4.86 6.92 -5.54
N LEU A 52 -4.79 6.78 -6.86
CA LEU A 52 -4.24 7.85 -7.67
C LEU A 52 -5.05 9.11 -7.40
N LEU A 53 -4.39 10.28 -7.45
CA LEU A 53 -5.12 11.52 -7.28
C LEU A 53 -4.99 12.32 -8.55
N ILE A 54 -3.80 12.58 -8.94
CA ILE A 54 -3.57 13.53 -9.98
C ILE A 54 -2.55 12.95 -10.93
N TYR A 55 -2.95 12.64 -12.13
CA TYR A 55 -1.94 12.31 -13.12
C TYR A 55 -1.63 13.54 -13.93
N PHE A 56 -0.52 13.53 -14.55
CA PHE A 56 -0.09 14.62 -15.37
C PHE A 56 0.05 15.86 -14.52
N ALA A 57 0.47 15.67 -13.26
CA ALA A 57 0.79 16.77 -12.38
C ALA A 57 -0.46 17.59 -12.04
N SER A 58 -1.26 17.92 -13.06
CA SER A 58 -2.41 18.76 -12.82
C SER A 58 -3.73 18.01 -13.01
N THR A 59 -3.83 17.18 -14.04
CA THR A 59 -5.08 16.53 -14.38
C THR A 59 -5.49 15.59 -13.26
N ARG A 60 -6.64 15.89 -12.67
CA ARG A 60 -7.05 15.06 -11.57
C ARG A 60 -7.72 13.83 -12.18
N GLU A 61 -8.40 13.06 -11.33
CA GLU A 61 -9.10 11.88 -11.80
C GLU A 61 -10.53 11.89 -11.29
N SER A 62 -11.44 11.44 -12.15
CA SER A 62 -12.85 11.57 -11.83
C SER A 62 -13.07 11.14 -10.38
N GLY A 63 -13.69 12.03 -9.60
CA GLY A 63 -14.04 11.72 -8.23
C GLY A 63 -13.16 12.47 -7.22
N VAL A 64 -11.94 12.84 -7.61
CA VAL A 64 -11.05 13.50 -6.68
C VAL A 64 -11.55 14.92 -6.46
N PRO A 65 -12.04 15.26 -5.24
CA PRO A 65 -12.59 16.58 -4.97
C PRO A 65 -11.57 17.67 -5.35
N ASP A 66 -12.09 18.84 -5.69
CA ASP A 66 -11.25 19.91 -6.21
C ASP A 66 -10.22 20.41 -5.21
N ARG A 67 -10.39 20.11 -3.92
CA ARG A 67 -9.42 20.58 -2.95
C ARG A 67 -8.04 20.07 -3.34
N PHE A 68 -7.97 18.85 -3.88
CA PHE A 68 -6.68 18.28 -4.26
C PHE A 68 -6.23 18.87 -5.59
N SER A 69 -5.75 20.10 -5.56
CA SER A 69 -5.31 20.76 -6.78
C SER A 69 -3.81 20.61 -6.95
N GLY A 70 -3.41 19.61 -7.72
CA GLY A 70 -1.99 19.37 -7.94
C GLY A 70 -1.38 20.34 -8.92
N SER A 71 -0.09 20.61 -8.77
CA SER A 71 0.59 21.52 -9.68
C SER A 71 2.10 21.31 -9.66
N GLY A 72 2.84 22.12 -10.40
CA GLY A 72 4.28 22.00 -10.43
C GLY A 72 4.81 21.61 -11.80
N SER A 73 6.12 21.73 -12.00
CA SER A 73 6.73 21.35 -13.27
C SER A 73 8.21 21.04 -13.13
N GLY A 74 8.80 20.48 -14.18
CA GLY A 74 10.22 20.16 -14.13
C GLY A 74 10.55 19.11 -13.10
N THR A 75 11.33 19.47 -12.09
CA THR A 75 11.69 18.52 -11.04
C THR A 75 11.08 18.94 -9.72
N ASP A 76 10.30 20.03 -9.73
CA ASP A 76 9.69 20.52 -8.50
C ASP A 76 8.18 20.50 -8.62
N PHE A 77 7.52 19.69 -7.79
CA PHE A 77 6.09 19.57 -7.97
C PHE A 77 5.41 19.79 -6.63
N THR A 78 4.09 19.71 -6.59
CA THR A 78 3.46 20.12 -5.36
C THR A 78 1.98 19.73 -5.32
N LEU A 79 1.59 19.16 -4.19
CA LEU A 79 0.21 18.88 -4.03
C LEU A 79 -0.33 19.88 -3.04
N THR A 80 -1.58 20.26 -3.19
CA THR A 80 -2.17 21.27 -2.34
C THR A 80 -3.59 20.91 -2.01
N ILE A 81 -3.80 20.35 -0.83
CA ILE A 81 -5.14 20.16 -0.31
C ILE A 81 -5.59 21.43 0.40
N SER A 82 -6.48 22.18 -0.25
CA SER A 82 -6.75 23.56 0.11
C SER A 82 -7.27 23.65 1.52
N SER A 83 -8.16 22.74 1.88
CA SER A 83 -8.69 22.70 3.22
C SER A 83 -8.69 21.29 3.75
N LEU A 84 -7.82 21.01 4.68
CA LEU A 84 -7.54 19.63 4.97
C LEU A 84 -8.65 19.11 5.84
N GLN A 85 -9.82 18.88 5.27
CA GLN A 85 -10.89 18.24 6.02
C GLN A 85 -10.38 16.90 6.48
N ALA A 86 -10.79 16.46 7.66
CA ALA A 86 -10.11 15.39 8.38
C ALA A 86 -9.74 14.12 7.65
N GLU A 87 -10.64 13.64 6.80
CA GLU A 87 -10.43 12.39 6.08
C GLU A 87 -9.15 12.40 5.25
N ASP A 88 -8.69 13.61 4.92
CA ASP A 88 -7.47 13.74 4.14
C ASP A 88 -6.28 13.69 5.10
N VAL A 89 -6.16 12.62 5.87
CA VAL A 89 -5.04 12.46 6.78
C VAL A 89 -4.19 11.27 6.37
N ALA A 90 -4.07 11.04 5.07
CA ALA A 90 -3.34 9.87 4.59
C ALA A 90 -1.91 10.19 4.20
N VAL A 91 -1.16 9.17 3.80
CA VAL A 91 0.20 9.40 3.33
C VAL A 91 0.12 9.59 1.83
N TYR A 92 0.72 10.66 1.32
CA TYR A 92 0.64 10.95 -0.10
C TYR A 92 1.95 10.63 -0.78
N TYR A 93 1.90 9.82 -1.85
CA TYR A 93 3.12 9.43 -2.54
C TYR A 93 3.17 10.04 -3.94
N CYS A 94 4.30 10.61 -4.32
CA CYS A 94 4.45 11.07 -5.67
C CYS A 94 5.15 10.01 -6.49
N GLN A 95 4.56 9.65 -7.62
CA GLN A 95 5.15 8.70 -8.53
C GLN A 95 5.46 9.30 -9.87
N GLN A 96 6.65 9.02 -10.38
CA GLN A 96 6.96 9.46 -11.73
C GLN A 96 6.46 8.36 -12.63
N HIS A 97 5.60 8.69 -13.59
CA HIS A 97 5.16 7.69 -14.53
C HIS A 97 5.67 8.16 -15.90
N TYR A 98 6.90 8.65 -15.88
CA TYR A 98 7.53 9.15 -17.09
C TYR A 98 8.18 7.94 -17.75
N ASN A 99 8.75 7.04 -16.96
CA ASN A 99 9.41 5.87 -17.49
C ASN A 99 9.60 4.78 -16.46
N THR A 100 10.11 3.62 -16.87
CA THR A 100 10.32 2.51 -15.95
C THR A 100 11.77 2.32 -15.55
N PRO A 101 12.02 2.13 -14.25
CA PRO A 101 11.10 1.55 -13.28
C PRO A 101 10.33 2.63 -12.54
N PHE A 102 9.03 2.52 -12.47
CA PHE A 102 8.28 3.51 -11.80
C PHE A 102 8.91 3.68 -10.45
N THR A 103 8.90 4.90 -9.93
CA THR A 103 9.46 5.18 -8.63
C THR A 103 8.54 6.09 -7.86
N PHE A 104 8.21 5.67 -6.65
CA PHE A 104 7.47 6.48 -5.73
C PHE A 104 8.44 7.17 -4.79
N GLY A 105 7.99 8.24 -4.16
CA GLY A 105 8.75 8.89 -3.12
C GLY A 105 8.35 8.36 -1.77
N GLY A 106 8.85 8.97 -0.71
CA GLY A 106 8.72 8.40 0.61
C GLY A 106 7.26 8.42 1.03
N GLY A 107 6.66 9.58 0.87
CA GLY A 107 5.33 9.77 1.41
C GLY A 107 5.39 10.82 2.51
N THR A 108 4.51 11.82 2.38
CA THR A 108 4.44 12.80 3.42
C THR A 108 3.18 12.46 4.19
N LYS A 109 3.33 12.04 5.44
CA LYS A 109 2.16 11.85 6.24
C LYS A 109 1.62 13.21 6.67
N VAL A 110 0.35 13.47 6.43
CA VAL A 110 -0.26 14.71 6.88
C VAL A 110 -1.01 14.40 8.17
N GLU A 111 -1.22 15.43 9.00
CA GLU A 111 -1.91 15.30 10.27
C GLU A 111 -2.75 16.54 10.52
N ILE A 112 -3.46 16.53 11.63
CA ILE A 112 -4.36 17.63 11.89
C ILE A 112 -4.18 18.16 13.31
N LYS A 113 -4.11 19.47 13.45
CA LYS A 113 -3.95 20.06 14.74
C LYS A 113 -5.33 20.44 15.27
N ARG A 114 -5.97 19.51 15.97
CA ARG A 114 -7.05 19.97 16.80
C ARG A 114 -6.39 20.51 18.08
N THR A 115 -7.15 21.15 18.96
CA THR A 115 -6.57 21.51 20.25
C THR A 115 -6.48 20.30 21.17
N VAL A 116 -5.87 20.52 22.33
CA VAL A 116 -5.64 19.45 23.29
C VAL A 116 -6.94 18.77 23.74
N ALA A 117 -6.87 17.46 23.96
CA ALA A 117 -7.95 16.71 24.54
C ALA A 117 -7.41 15.69 25.55
N ALA A 118 -8.03 15.61 26.73
CA ALA A 118 -7.56 14.74 27.80
C ALA A 118 -7.98 13.30 27.53
N PRO A 119 -7.15 12.32 27.96
CA PRO A 119 -7.48 10.94 27.65
C PRO A 119 -8.54 10.37 28.57
N SER A 120 -9.23 9.33 28.09
CA SER A 120 -10.12 8.51 28.95
C SER A 120 -9.20 7.33 29.39
N VAL A 121 -8.95 7.19 30.68
CA VAL A 121 -8.16 6.07 31.18
C VAL A 121 -9.05 4.98 31.77
N PHE A 122 -9.02 3.81 31.16
CA PHE A 122 -9.67 2.64 31.73
C PHE A 122 -8.62 1.56 32.02
N ILE A 123 -8.70 0.94 33.19
CA ILE A 123 -7.79 -0.16 33.52
C ILE A 123 -8.52 -1.48 33.56
N PHE A 124 -8.13 -2.37 32.66
CA PHE A 124 -8.75 -3.67 32.54
C PHE A 124 -7.89 -4.72 33.21
N PRO A 125 -8.43 -5.36 34.25
CA PRO A 125 -7.66 -6.34 35.02
C PRO A 125 -7.59 -7.70 34.34
N PRO A 126 -6.61 -8.54 34.71
CA PRO A 126 -6.43 -9.84 34.09
C PRO A 126 -7.60 -10.77 34.39
N SER A 127 -8.19 -11.32 33.31
CA SER A 127 -9.35 -12.20 33.39
C SER A 127 -8.92 -13.55 33.96
N ASP A 128 -9.88 -14.28 34.52
CA ASP A 128 -9.63 -15.57 35.13
C ASP A 128 -9.04 -16.56 34.14
N GLU A 129 -9.52 -16.50 32.89
CA GLU A 129 -9.11 -17.45 31.87
C GLU A 129 -7.59 -17.37 31.65
N GLN A 130 -7.09 -16.14 31.49
CA GLN A 130 -5.67 -15.98 31.21
C GLN A 130 -4.90 -16.37 32.46
N LEU A 131 -5.51 -16.12 33.63
CA LEU A 131 -4.88 -16.49 34.88
C LEU A 131 -4.70 -18.00 34.93
N LYS A 132 -5.73 -18.75 34.51
CA LYS A 132 -5.61 -20.20 34.48
C LYS A 132 -4.51 -20.61 33.51
N SER A 133 -4.40 -19.89 32.39
CA SER A 133 -3.39 -20.19 31.39
C SER A 133 -1.98 -19.94 31.93
N GLY A 134 -1.88 -19.22 33.04
CA GLY A 134 -0.59 -18.99 33.67
C GLY A 134 0.01 -17.64 33.30
N THR A 135 -0.72 -16.84 32.51
CA THR A 135 -0.24 -15.52 32.13
C THR A 135 -1.23 -14.46 32.58
N ALA A 136 -0.71 -13.30 32.96
CA ALA A 136 -1.58 -12.20 33.30
C ALA A 136 -1.11 -10.98 32.53
N SER A 137 -1.99 -10.46 31.68
CA SER A 137 -1.69 -9.25 30.94
C SER A 137 -2.63 -8.17 31.45
N VAL A 138 -2.07 -7.06 31.94
CA VAL A 138 -2.92 -5.98 32.38
C VAL A 138 -2.83 -4.93 31.30
N VAL A 139 -3.97 -4.37 30.95
CA VAL A 139 -3.99 -3.42 29.86
C VAL A 139 -4.47 -2.07 30.37
N CYS A 140 -3.89 -0.99 29.80
CA CYS A 140 -4.33 0.34 30.16
C CYS A 140 -4.77 1.05 28.89
N LEU A 141 -5.99 1.60 28.87
CA LEU A 141 -6.51 2.21 27.66
C LEU A 141 -6.74 3.70 27.75
N LEU A 142 -6.12 4.49 26.88
CA LEU A 142 -6.39 5.93 26.84
C LEU A 142 -7.31 6.12 25.67
N ASN A 143 -8.59 6.37 25.91
CA ASN A 143 -9.59 6.39 24.82
C ASN A 143 -9.56 7.47 23.74
N ASN A 144 -9.24 8.72 24.05
CA ASN A 144 -9.14 9.74 23.00
C ASN A 144 -8.35 10.91 23.46
N PHE A 145 -7.39 11.33 22.67
CA PHE A 145 -6.53 12.41 23.12
C PHE A 145 -5.74 13.07 22.01
N TYR A 146 -5.35 14.31 22.21
CA TYR A 146 -4.51 15.01 21.24
C TYR A 146 -3.75 16.10 21.96
N PRO A 147 -2.42 15.99 22.02
CA PRO A 147 -1.60 15.46 20.93
C PRO A 147 -1.24 13.99 21.09
N ARG A 148 -0.56 13.43 20.09
CA ARG A 148 -0.19 12.02 20.13
C ARG A 148 0.63 11.76 21.39
N GLU A 149 1.50 12.69 21.73
CA GLU A 149 2.34 12.52 22.90
C GLU A 149 1.63 12.11 24.18
N ALA A 150 2.06 11.00 24.77
CA ALA A 150 1.47 10.55 26.03
C ALA A 150 2.41 9.58 26.73
N LYS A 151 2.30 9.48 28.05
CA LYS A 151 3.17 8.58 28.79
C LYS A 151 2.33 7.77 29.77
N VAL A 152 2.50 6.46 29.78
CA VAL A 152 1.77 5.69 30.79
C VAL A 152 2.82 5.05 31.69
N GLN A 153 2.54 5.00 32.99
CA GLN A 153 3.43 4.34 33.92
C GLN A 153 2.74 3.11 34.49
N TRP A 154 3.49 2.07 34.79
CA TRP A 154 2.90 0.85 35.30
C TRP A 154 3.40 0.56 36.70
N LYS A 155 2.82 1.20 37.69
CA LYS A 155 3.28 0.92 39.04
C LYS A 155 2.72 -0.27 39.82
N VAL A 156 3.50 -1.38 39.84
CA VAL A 156 2.99 -2.63 40.36
C VAL A 156 3.18 -2.69 41.87
N ASP A 157 2.07 -2.70 42.61
CA ASP A 157 2.12 -2.80 44.07
C ASP A 157 2.93 -1.65 44.67
N ASN A 158 2.55 -0.43 44.29
CA ASN A 158 3.26 0.77 44.72
C ASN A 158 4.75 0.70 44.36
N ALA A 159 5.10 -0.16 43.40
CA ALA A 159 6.47 -0.28 42.94
C ALA A 159 6.54 -0.06 41.43
N LEU A 160 7.23 1.01 41.02
CA LEU A 160 7.35 1.32 39.61
C LEU A 160 7.91 0.13 38.85
N GLN A 161 7.36 -0.12 37.65
CA GLN A 161 7.87 -1.22 36.84
C GLN A 161 8.31 -0.70 35.50
N SER A 162 9.13 -1.48 34.81
CA SER A 162 9.63 -1.08 33.50
C SER A 162 10.17 -2.28 32.75
N GLY A 163 10.12 -2.18 31.42
CA GLY A 163 10.56 -3.24 30.52
C GLY A 163 9.71 -4.49 30.44
N ASN A 164 8.48 -4.40 30.93
CA ASN A 164 7.54 -5.48 30.80
C ASN A 164 6.22 -4.73 30.42
N SER A 165 6.33 -4.06 29.27
CA SER A 165 5.25 -3.27 28.73
C SER A 165 5.42 -3.03 27.25
N GLN A 166 4.32 -3.02 26.50
CA GLN A 166 4.37 -2.57 25.13
C GLN A 166 3.20 -1.63 24.85
N GLU A 167 3.46 -0.50 24.21
CA GLU A 167 2.39 0.45 23.90
C GLU A 167 1.95 0.45 22.44
N SER A 168 0.66 0.69 22.21
CA SER A 168 0.13 0.75 20.86
C SER A 168 -0.84 1.91 20.70
N VAL A 169 -0.52 2.82 19.78
CA VAL A 169 -1.40 3.95 19.51
C VAL A 169 -2.10 3.75 18.17
N THR A 170 -3.42 3.77 18.20
CA THR A 170 -4.20 3.69 16.98
C THR A 170 -4.05 5.00 16.25
N GLU A 171 -4.09 4.97 14.92
CA GLU A 171 -3.88 6.15 14.12
C GLU A 171 -5.01 7.17 14.29
N GLN A 172 -4.83 8.36 13.72
CA GLN A 172 -5.65 9.50 14.06
C GLN A 172 -7.00 9.37 13.42
N ASP A 173 -8.00 9.04 14.22
CA ASP A 173 -9.36 8.88 13.72
C ASP A 173 -9.65 9.97 12.71
N SER A 174 -10.27 9.60 11.60
CA SER A 174 -10.66 10.57 10.60
C SER A 174 -11.96 11.28 11.02
N LYS A 175 -12.58 10.80 12.10
CA LYS A 175 -13.77 11.46 12.60
C LYS A 175 -13.42 12.72 13.39
N ASP A 176 -12.42 12.62 14.28
CA ASP A 176 -12.13 13.75 15.13
C ASP A 176 -10.63 13.91 15.36
N SER A 177 -9.80 13.43 14.45
CA SER A 177 -8.35 13.61 14.53
C SER A 177 -7.85 13.45 15.96
N THR A 178 -8.16 12.31 16.58
CA THR A 178 -7.73 12.01 17.93
C THR A 178 -7.18 10.61 18.00
N TYR A 179 -6.16 10.39 18.79
CA TYR A 179 -5.55 9.08 18.87
C TYR A 179 -6.11 8.28 20.03
N SER A 180 -5.69 7.03 20.18
CA SER A 180 -6.10 6.22 21.33
C SER A 180 -4.99 5.24 21.60
N LEU A 181 -4.63 5.05 22.85
CA LEU A 181 -3.49 4.20 23.17
C LEU A 181 -3.82 3.08 24.10
N SER A 182 -3.02 2.03 24.09
CA SER A 182 -3.21 0.93 25.01
C SER A 182 -1.86 0.37 25.41
N SER A 183 -1.61 0.23 26.72
CA SER A 183 -0.33 -0.27 27.20
C SER A 183 -0.51 -1.63 27.89
N THR A 184 0.42 -2.58 27.70
CA THR A 184 0.22 -3.91 28.27
C THR A 184 1.32 -4.33 29.26
N LEU A 185 0.94 -4.69 30.48
CA LEU A 185 1.91 -5.16 31.46
C LEU A 185 1.72 -6.66 31.60
N THR A 186 2.74 -7.41 31.21
CA THR A 186 2.59 -8.85 31.23
C THR A 186 3.44 -9.45 32.34
N LEU A 187 2.81 -10.24 33.19
CA LEU A 187 3.54 -10.85 34.29
C LEU A 187 3.26 -12.36 34.30
N SER A 188 4.10 -13.12 34.98
CA SER A 188 3.76 -14.49 35.28
C SER A 188 2.57 -14.47 36.20
N LYS A 189 1.81 -15.55 36.22
CA LYS A 189 0.71 -15.61 37.17
C LYS A 189 1.29 -15.38 38.54
N ALA A 190 2.49 -15.90 38.75
CA ALA A 190 3.13 -15.82 40.07
C ALA A 190 3.29 -14.37 40.51
N ASP A 191 3.75 -13.51 39.61
CA ASP A 191 3.95 -12.10 39.94
C ASP A 191 2.63 -11.47 40.33
N TYR A 192 1.57 -11.84 39.62
CA TYR A 192 0.25 -11.35 39.95
C TYR A 192 -0.13 -11.88 41.33
N GLU A 193 0.63 -12.86 41.81
CA GLU A 193 0.45 -13.39 43.15
C GLU A 193 1.49 -12.84 44.14
N LYS A 194 2.31 -11.90 43.69
CA LYS A 194 3.31 -11.27 44.54
C LYS A 194 2.91 -9.85 44.93
N HIS A 195 1.77 -9.40 44.40
CA HIS A 195 1.33 -8.04 44.59
C HIS A 195 -0.20 -7.97 44.52
N LYS A 196 -0.78 -6.92 45.09
CA LYS A 196 -2.23 -6.81 45.10
C LYS A 196 -2.73 -5.63 44.26
N VAL A 197 -2.09 -4.48 44.41
CA VAL A 197 -2.55 -3.27 43.75
C VAL A 197 -1.75 -2.97 42.49
N TYR A 198 -2.46 -2.80 41.37
CA TYR A 198 -1.83 -2.46 40.11
C TYR A 198 -2.43 -1.15 39.62
N ALA A 199 -1.58 -0.28 39.10
CA ALA A 199 -1.98 1.09 38.80
C ALA A 199 -1.42 1.60 37.47
N CYS A 200 -2.20 2.46 36.82
CA CYS A 200 -1.84 3.03 35.54
C CYS A 200 -1.81 4.55 35.67
N GLU A 201 -0.60 5.12 35.81
CA GLU A 201 -0.45 6.57 35.90
C GLU A 201 -0.07 7.20 34.55
N VAL A 202 -0.97 8.01 34.01
CA VAL A 202 -0.72 8.66 32.72
C VAL A 202 -0.74 10.18 32.83
N THR A 203 0.18 10.82 32.13
CA THR A 203 0.28 12.27 32.12
C THR A 203 0.24 12.82 30.70
N HIS A 204 -0.88 13.40 30.33
CA HIS A 204 -1.06 13.98 29.00
C HIS A 204 -1.07 15.48 29.06
N GLN A 205 -0.61 16.12 27.99
CA GLN A 205 -0.61 17.58 27.95
C GLN A 205 -1.95 18.08 28.46
N GLY A 206 -3.02 17.48 27.98
CA GLY A 206 -4.35 17.86 28.37
C GLY A 206 -4.67 17.68 29.83
N LEU A 207 -4.20 16.57 30.40
CA LEU A 207 -4.43 16.33 31.80
C LEU A 207 -3.54 17.27 32.55
N SER A 208 -4.13 18.08 33.42
CA SER A 208 -3.36 19.04 34.20
C SER A 208 -2.22 18.36 34.93
N SER A 209 -2.46 17.14 35.37
CA SER A 209 -1.46 16.36 36.07
C SER A 209 -1.87 14.90 36.06
N PRO A 210 -0.97 14.01 36.45
CA PRO A 210 -1.21 12.57 36.29
C PRO A 210 -2.55 12.13 36.87
N VAL A 211 -3.30 11.37 36.08
CA VAL A 211 -4.43 10.59 36.57
C VAL A 211 -4.00 9.14 36.74
N THR A 212 -4.32 8.56 37.90
CA THR A 212 -3.95 7.19 38.19
C THR A 212 -5.20 6.31 38.35
N LYS A 213 -5.43 5.43 37.39
CA LYS A 213 -6.50 4.45 37.52
C LYS A 213 -5.94 3.14 38.06
N SER A 214 -6.69 2.47 38.92
CA SER A 214 -6.13 1.33 39.64
C SER A 214 -7.17 0.30 40.10
N PHE A 215 -6.70 -0.93 40.34
CA PHE A 215 -7.51 -2.01 40.89
C PHE A 215 -6.69 -2.85 41.85
N ASN A 216 -7.35 -3.82 42.48
CA ASN A 216 -6.66 -4.78 43.33
C ASN A 216 -6.86 -6.21 42.85
N ARG A 217 -5.97 -7.12 43.23
CA ARG A 217 -6.08 -8.50 42.79
C ARG A 217 -7.41 -9.08 43.22
N GLY A 218 -7.82 -8.74 44.44
CA GLY A 218 -9.18 -8.97 44.87
C GLY A 218 -10.13 -7.94 44.32
N GLU B 1 -16.31 -2.38 -11.78
CA GLU B 1 -16.18 -3.57 -12.61
C GLU B 1 -14.72 -3.98 -12.74
N VAL B 2 -13.83 -3.02 -12.59
CA VAL B 2 -12.42 -3.33 -12.68
C VAL B 2 -11.93 -3.78 -11.33
N GLN B 3 -11.83 -5.08 -11.15
CA GLN B 3 -11.51 -5.63 -9.84
C GLN B 3 -10.30 -6.56 -9.90
N LEU B 4 -9.34 -6.31 -9.02
CA LEU B 4 -8.17 -7.15 -8.88
C LEU B 4 -8.16 -7.82 -7.52
N GLN B 5 -8.07 -9.14 -7.52
CA GLN B 5 -7.99 -9.92 -6.28
C GLN B 5 -6.64 -10.58 -6.14
N GLU B 6 -5.98 -10.33 -5.02
CA GLU B 6 -4.65 -10.85 -4.83
C GLU B 6 -4.63 -11.92 -3.78
N SER B 7 -4.34 -13.15 -4.17
CA SER B 7 -4.35 -14.25 -3.24
C SER B 7 -3.07 -15.05 -3.39
N GLY B 8 -2.44 -15.38 -2.27
CA GLY B 8 -1.22 -16.15 -2.31
C GLY B 8 -0.86 -16.75 -0.97
N PRO B 9 0.24 -17.48 -0.91
CA PRO B 9 0.67 -18.01 0.38
C PRO B 9 0.98 -16.85 1.31
N GLY B 10 0.67 -16.97 2.59
CA GLY B 10 0.90 -15.90 3.54
C GLY B 10 2.19 -16.00 4.29
N LEU B 11 2.48 -17.19 4.81
CA LEU B 11 3.71 -17.39 5.57
C LEU B 11 4.65 -18.21 4.71
N VAL B 12 5.85 -17.69 4.48
CA VAL B 12 6.79 -18.37 3.62
C VAL B 12 8.08 -18.64 4.36
N LYS B 13 8.55 -19.87 4.33
CA LYS B 13 9.81 -20.18 4.96
C LYS B 13 10.92 -19.33 4.38
N PRO B 14 11.90 -18.87 5.18
CA PRO B 14 13.03 -18.15 4.60
C PRO B 14 13.67 -19.08 3.57
N SER B 15 14.20 -18.47 2.49
CA SER B 15 14.86 -19.11 1.35
C SER B 15 13.86 -19.78 0.43
N GLU B 16 12.58 -19.49 0.60
CA GLU B 16 11.58 -20.10 -0.30
C GLU B 16 11.16 -19.17 -1.45
N THR B 17 9.97 -19.45 -2.00
CA THR B 17 9.47 -18.66 -3.11
C THR B 17 8.00 -18.29 -2.86
N LEU B 18 7.68 -16.99 -2.78
CA LEU B 18 6.28 -16.59 -2.69
C LEU B 18 5.61 -16.82 -4.04
N SER B 19 4.29 -16.98 -4.02
CA SER B 19 3.63 -17.26 -5.27
C SER B 19 2.18 -16.78 -5.21
N LEU B 20 2.03 -15.46 -5.09
CA LEU B 20 0.70 -14.89 -5.02
C LEU B 20 0.12 -14.89 -6.43
N THR B 21 -1.20 -14.77 -6.51
CA THR B 21 -1.84 -14.69 -7.81
C THR B 21 -2.84 -13.55 -7.76
N CYS B 22 -3.03 -12.86 -8.88
CA CYS B 22 -3.94 -11.73 -8.93
C CYS B 22 -5.03 -11.99 -9.96
N THR B 23 -6.21 -12.40 -9.51
CA THR B 23 -7.29 -12.65 -10.45
C THR B 23 -7.95 -11.34 -10.87
N VAL B 24 -7.59 -10.83 -12.05
CA VAL B 24 -8.20 -9.60 -12.52
C VAL B 24 -9.58 -9.95 -13.06
N SER B 25 -10.46 -8.96 -13.09
CA SER B 25 -11.83 -9.20 -13.53
C SER B 25 -12.42 -7.91 -14.06
N GLY B 26 -13.11 -8.04 -15.20
CA GLY B 26 -13.87 -6.92 -15.76
C GLY B 26 -13.10 -6.11 -16.78
N PHE B 27 -11.79 -6.27 -16.84
CA PHE B 27 -11.00 -5.60 -17.86
C PHE B 27 -10.20 -6.65 -18.59
N SER B 28 -10.00 -6.48 -19.89
CA SER B 28 -9.31 -7.52 -20.66
C SER B 28 -7.81 -7.46 -20.43
N LEU B 29 -7.28 -8.48 -19.78
CA LEU B 29 -5.88 -8.51 -19.46
C LEU B 29 -5.07 -8.56 -20.74
N ILE B 30 -5.75 -8.73 -21.85
CA ILE B 30 -5.07 -8.74 -23.14
C ILE B 30 -4.72 -7.34 -23.56
N ASP B 31 -5.53 -6.38 -23.15
CA ASP B 31 -5.31 -4.98 -23.51
C ASP B 31 -4.57 -4.20 -22.45
N TYR B 32 -5.05 -4.28 -21.22
CA TYR B 32 -4.43 -3.52 -20.13
C TYR B 32 -3.31 -4.26 -19.42
N GLY B 33 -2.43 -3.54 -18.75
CA GLY B 33 -1.31 -4.16 -18.07
C GLY B 33 -1.50 -4.09 -16.56
N VAL B 34 -0.88 -5.03 -15.82
CA VAL B 34 -1.02 -5.02 -14.38
C VAL B 34 0.40 -5.03 -13.89
N SER B 35 0.66 -4.28 -12.79
CA SER B 35 2.02 -4.29 -12.23
C SER B 35 1.91 -4.78 -10.79
N TRP B 36 3.01 -5.24 -10.21
CA TRP B 36 3.02 -5.57 -8.80
C TRP B 36 3.81 -4.57 -7.97
N ILE B 37 3.20 -4.06 -6.90
CA ILE B 37 3.89 -3.15 -6.00
C ILE B 37 3.92 -3.85 -4.64
N ARG B 38 5.00 -3.66 -3.86
CA ARG B 38 4.93 -4.09 -2.48
C ARG B 38 5.21 -2.93 -1.53
N GLN B 39 4.65 -3.00 -0.34
CA GLN B 39 4.92 -1.98 0.64
C GLN B 39 5.41 -2.56 1.96
N PRO B 40 6.74 -2.56 2.18
CA PRO B 40 7.28 -3.20 3.37
C PRO B 40 6.50 -2.60 4.53
N PRO B 41 6.14 -3.40 5.54
CA PRO B 41 5.28 -2.90 6.62
C PRO B 41 5.87 -1.62 7.24
N GLY B 42 5.06 -0.54 7.19
CA GLY B 42 5.42 0.77 7.69
C GLY B 42 6.46 1.51 6.84
N LYS B 43 6.52 1.21 5.55
CA LYS B 43 7.51 1.84 4.69
C LYS B 43 6.88 2.30 3.38
N GLY B 44 7.74 2.81 2.49
CA GLY B 44 7.36 3.34 1.18
C GLY B 44 6.90 2.24 0.23
N LEU B 45 6.13 2.62 -0.80
CA LEU B 45 5.74 1.64 -1.80
C LEU B 45 6.97 1.28 -2.66
N GLU B 46 6.97 0.03 -3.12
CA GLU B 46 8.00 -0.38 -4.03
C GLU B 46 7.38 -1.01 -5.27
N TRP B 47 7.99 -0.75 -6.42
CA TRP B 47 7.57 -1.39 -7.65
C TRP B 47 8.33 -2.71 -7.87
N ILE B 48 7.59 -3.75 -8.27
CA ILE B 48 8.22 -5.00 -8.60
C ILE B 48 8.29 -5.12 -10.11
N GLY B 49 7.16 -5.04 -10.78
CA GLY B 49 7.20 -5.17 -12.24
C GLY B 49 5.82 -4.96 -12.89
N VAL B 50 5.83 -4.79 -14.24
CA VAL B 50 4.60 -4.61 -15.01
C VAL B 50 4.56 -5.67 -16.13
N ILE B 51 3.41 -6.30 -16.32
CA ILE B 51 3.30 -7.23 -17.43
C ILE B 51 2.33 -6.63 -18.42
N TRP B 52 2.85 -5.96 -19.42
CA TRP B 52 1.99 -5.29 -20.38
C TRP B 52 1.17 -6.29 -21.15
N GLY B 53 -0.01 -5.89 -21.64
CA GLY B 53 -0.91 -6.81 -22.29
C GLY B 53 -0.35 -7.68 -23.39
N GLY B 54 0.82 -7.33 -23.89
CA GLY B 54 1.46 -8.14 -24.91
C GLY B 54 2.47 -9.08 -24.32
N GLY B 55 2.57 -9.11 -23.00
CA GLY B 55 3.48 -10.04 -22.35
C GLY B 55 4.89 -9.54 -22.15
N LYS B 56 5.15 -8.26 -22.38
CA LYS B 56 6.48 -7.72 -22.10
C LYS B 56 6.54 -7.42 -20.63
N ILE B 57 7.55 -7.92 -19.95
CA ILE B 57 7.61 -7.74 -18.51
C ILE B 57 8.74 -6.82 -18.10
N TYR B 58 8.42 -5.82 -17.30
CA TYR B 58 9.43 -4.91 -16.81
C TYR B 58 9.57 -5.12 -15.32
N TYR B 59 10.81 -5.33 -14.85
CA TYR B 59 11.02 -5.55 -13.42
C TYR B 59 11.89 -4.44 -12.82
N ASN B 60 11.67 -4.17 -11.52
CA ASN B 60 12.53 -3.24 -10.83
C ASN B 60 13.92 -3.84 -10.88
N SER B 61 14.95 -3.00 -10.86
CA SER B 61 16.33 -3.45 -10.90
C SER B 61 16.69 -4.25 -9.65
N VAL B 62 16.32 -3.76 -8.47
CA VAL B 62 16.65 -4.38 -7.21
C VAL B 62 16.09 -5.80 -7.05
N LEU B 63 14.77 -5.96 -7.23
CA LEU B 63 14.17 -7.27 -6.95
C LEU B 63 14.34 -8.16 -8.16
N LYS B 64 14.98 -7.66 -9.22
CA LYS B 64 15.15 -8.48 -10.41
C LYS B 64 16.16 -9.56 -10.05
N SER B 65 16.23 -10.60 -10.90
CA SER B 65 17.07 -11.75 -10.63
C SER B 65 16.42 -12.62 -9.57
N ARG B 66 15.24 -12.20 -9.10
CA ARG B 66 14.56 -12.93 -8.06
C ARG B 66 13.04 -12.88 -8.24
N VAL B 67 12.56 -12.27 -9.34
CA VAL B 67 11.11 -12.15 -9.54
C VAL B 67 10.70 -12.69 -10.89
N THR B 68 9.42 -13.05 -11.00
CA THR B 68 8.86 -13.55 -12.22
C THR B 68 7.37 -13.21 -12.28
N ILE B 69 6.98 -12.39 -13.25
CA ILE B 69 5.57 -12.14 -13.42
C ILE B 69 5.15 -12.90 -14.66
N SER B 70 3.91 -13.41 -14.67
CA SER B 70 3.33 -14.03 -15.86
C SER B 70 1.84 -13.98 -15.73
N LYS B 71 1.14 -14.17 -16.86
CA LYS B 71 -0.32 -14.15 -16.77
C LYS B 71 -0.96 -15.20 -17.68
N ASP B 72 -2.26 -15.42 -17.47
CA ASP B 72 -3.03 -16.26 -18.35
C ASP B 72 -4.21 -15.46 -18.85
N ASN B 73 -4.09 -14.94 -20.07
CA ASN B 73 -5.17 -14.08 -20.54
C ASN B 73 -6.47 -14.83 -20.46
N SER B 74 -6.41 -16.16 -20.63
CA SER B 74 -7.61 -16.99 -20.62
C SER B 74 -8.32 -16.94 -19.27
N LYS B 75 -7.59 -17.17 -18.17
CA LYS B 75 -8.22 -17.24 -16.86
C LYS B 75 -8.13 -15.91 -16.11
N SER B 76 -7.70 -14.85 -16.81
CA SER B 76 -7.61 -13.51 -16.23
C SER B 76 -6.74 -13.61 -14.96
N GLN B 77 -5.60 -14.28 -15.09
CA GLN B 77 -4.75 -14.52 -13.95
C GLN B 77 -3.35 -13.99 -14.08
N VAL B 78 -2.89 -13.28 -13.06
CA VAL B 78 -1.54 -12.78 -13.11
C VAL B 78 -0.85 -13.33 -11.87
N SER B 79 0.46 -13.53 -11.93
CA SER B 79 1.07 -14.28 -10.84
C SER B 79 2.44 -13.73 -10.52
N LEU B 80 2.78 -13.81 -9.23
CA LEU B 80 4.10 -13.35 -8.85
C LEU B 80 4.86 -14.51 -8.24
N LYS B 81 6.13 -14.60 -8.61
CA LYS B 81 6.93 -15.61 -7.97
C LYS B 81 8.26 -14.99 -7.60
N LEU B 82 8.48 -14.81 -6.30
CA LEU B 82 9.71 -14.21 -5.87
C LEU B 82 10.58 -15.26 -5.19
N SER B 83 11.81 -15.43 -5.69
CA SER B 83 12.72 -16.44 -5.19
C SER B 83 13.51 -15.96 -3.98
N SER B 84 14.10 -16.92 -3.24
CA SER B 84 14.97 -16.68 -2.10
C SER B 84 14.30 -15.76 -1.07
N VAL B 85 13.01 -15.95 -0.82
CA VAL B 85 12.32 -15.00 0.03
C VAL B 85 13.10 -14.94 1.31
N THR B 86 13.42 -13.72 1.75
CA THR B 86 14.29 -13.55 2.92
C THR B 86 13.67 -12.50 3.80
N ALA B 87 14.33 -12.17 4.91
CA ALA B 87 13.74 -11.31 5.93
C ALA B 87 13.00 -10.10 5.34
N ALA B 88 13.67 -9.42 4.39
CA ALA B 88 13.22 -8.13 3.89
C ALA B 88 12.03 -8.25 2.93
N ASP B 89 11.67 -9.47 2.51
CA ASP B 89 10.63 -9.63 1.50
C ASP B 89 9.25 -9.61 2.15
N THR B 90 9.22 -9.32 3.46
CA THR B 90 7.93 -9.26 4.13
C THR B 90 7.24 -7.96 3.76
N ALA B 91 5.99 -8.05 3.27
CA ALA B 91 5.30 -6.83 2.88
C ALA B 91 3.88 -7.08 2.43
N VAL B 92 3.11 -6.03 2.17
CA VAL B 92 1.83 -6.24 1.55
C VAL B 92 1.99 -6.11 0.03
N TYR B 93 1.78 -7.21 -0.69
CA TYR B 93 1.95 -7.13 -2.13
C TYR B 93 0.67 -6.65 -2.81
N TYR B 94 0.81 -5.87 -3.88
CA TYR B 94 -0.35 -5.28 -4.52
C TYR B 94 -0.27 -5.44 -6.02
N CYS B 95 -1.39 -5.68 -6.68
CA CYS B 95 -1.40 -5.70 -8.12
C CYS B 95 -2.36 -4.58 -8.51
N ALA B 96 -1.92 -3.73 -9.45
CA ALA B 96 -2.76 -2.62 -9.87
C ALA B 96 -2.82 -2.60 -11.38
N LYS B 97 -3.91 -2.13 -11.93
CA LYS B 97 -4.03 -2.07 -13.37
C LYS B 97 -3.44 -0.76 -13.85
N GLN B 98 -2.66 -0.81 -14.90
CA GLN B 98 -2.14 0.42 -15.47
C GLN B 98 -3.34 1.21 -15.95
N GLY B 99 -3.30 2.52 -15.81
CA GLY B 99 -4.44 3.33 -16.17
C GLY B 99 -4.95 3.15 -17.59
N GLY B 100 -4.03 3.18 -18.55
CA GLY B 100 -4.42 3.05 -19.94
C GLY B 100 -3.41 2.25 -20.72
N LEU B 101 -3.62 2.10 -22.02
CA LEU B 101 -2.64 1.41 -22.83
C LEU B 101 -1.34 2.20 -22.76
N LEU B 102 -0.27 1.56 -22.30
CA LEU B 102 1.01 2.24 -22.17
C LEU B 102 0.90 3.51 -21.33
N PHE B 103 0.20 3.44 -20.20
CA PHE B 103 0.12 4.57 -19.28
C PHE B 103 0.69 4.04 -18.00
N TYR B 104 1.58 4.79 -17.35
CA TYR B 104 2.25 4.26 -16.18
C TYR B 104 1.70 4.68 -14.82
N ALA B 105 0.46 5.13 -14.75
CA ALA B 105 -0.07 5.46 -13.46
C ALA B 105 -1.19 4.44 -13.13
N MET B 106 -1.06 3.82 -11.97
CA MET B 106 -1.84 2.64 -11.68
C MET B 106 -3.18 3.03 -11.13
N ASP B 107 -4.19 3.07 -11.98
CA ASP B 107 -5.48 3.64 -11.60
C ASP B 107 -6.25 2.76 -10.63
N TYR B 108 -6.33 1.46 -10.91
CA TYR B 108 -7.06 0.54 -10.06
C TYR B 108 -6.11 -0.37 -9.32
N TRP B 109 -6.35 -0.56 -8.03
CA TRP B 109 -5.44 -1.34 -7.21
C TRP B 109 -6.11 -2.56 -6.61
N GLY B 110 -5.31 -3.44 -6.03
CA GLY B 110 -5.79 -4.60 -5.30
C GLY B 110 -5.70 -4.33 -3.80
N GLN B 111 -6.52 -5.06 -3.03
CA GLN B 111 -6.62 -4.81 -1.60
C GLN B 111 -5.30 -5.11 -0.88
N GLY B 112 -4.57 -6.16 -1.30
CA GLY B 112 -3.28 -6.40 -0.67
C GLY B 112 -3.17 -7.78 -0.02
N THR B 113 -1.94 -8.16 0.34
CA THR B 113 -1.69 -9.46 0.93
C THR B 113 -0.35 -9.40 1.66
N LEU B 114 -0.35 -9.73 2.94
CA LEU B 114 0.89 -9.63 3.71
C LEU B 114 1.70 -10.93 3.67
N VAL B 115 2.74 -10.99 2.84
CA VAL B 115 3.56 -12.17 2.81
C VAL B 115 4.60 -12.03 3.90
N THR B 116 4.70 -13.05 4.77
CA THR B 116 5.59 -12.91 5.90
C THR B 116 6.68 -13.97 5.88
N VAL B 117 7.85 -13.59 5.37
CA VAL B 117 9.00 -14.47 5.41
C VAL B 117 9.40 -14.75 6.85
N SER B 118 9.23 -16.00 7.31
CA SER B 118 9.55 -16.25 8.70
C SER B 118 9.79 -17.73 8.92
N SER B 119 10.36 -18.03 10.09
CA SER B 119 10.69 -19.39 10.45
C SER B 119 9.66 -20.04 11.37
N ALA B 120 8.59 -19.33 11.74
CA ALA B 120 7.63 -19.86 12.71
C ALA B 120 6.46 -20.54 12.00
N SER B 121 5.51 -21.01 12.82
CA SER B 121 4.38 -21.82 12.38
C SER B 121 3.16 -20.92 12.44
N THR B 122 1.97 -21.42 12.11
CA THR B 122 0.81 -20.55 12.23
C THR B 122 0.04 -20.92 13.49
N LYS B 123 0.53 -20.47 14.65
CA LYS B 123 -0.26 -20.69 15.86
C LYS B 123 -1.48 -19.77 15.81
N GLY B 124 -2.58 -20.17 16.42
CA GLY B 124 -3.79 -19.36 16.39
C GLY B 124 -3.98 -18.49 17.63
N PRO B 125 -4.84 -17.47 17.52
CA PRO B 125 -5.03 -16.48 18.59
C PRO B 125 -5.75 -17.09 19.80
N SER B 126 -5.52 -16.51 20.98
CA SER B 126 -6.23 -16.93 22.17
C SER B 126 -6.99 -15.74 22.71
N VAL B 127 -8.31 -15.74 22.50
CA VAL B 127 -9.07 -14.52 22.81
C VAL B 127 -9.45 -14.39 24.29
N PHE B 128 -8.80 -13.50 25.01
CA PHE B 128 -9.11 -13.33 26.42
C PHE B 128 -9.85 -12.04 26.64
N PRO B 129 -11.16 -12.12 26.86
CA PRO B 129 -11.96 -10.94 27.11
C PRO B 129 -11.39 -9.92 28.07
N LEU B 130 -11.43 -8.65 27.71
CA LEU B 130 -11.01 -7.59 28.62
C LEU B 130 -12.34 -7.08 29.08
N ALA B 131 -12.85 -7.59 30.19
CA ALA B 131 -14.19 -7.23 30.64
C ALA B 131 -14.43 -5.73 30.79
N PRO B 132 -15.66 -5.29 30.50
CA PRO B 132 -16.01 -3.87 30.63
C PRO B 132 -15.80 -3.52 32.08
N SER B 133 -15.94 -4.49 32.97
CA SER B 133 -15.68 -4.23 34.39
C SER B 133 -16.19 -2.85 34.81
N SER B 134 -17.50 -2.66 34.70
CA SER B 134 -18.09 -1.37 35.04
C SER B 134 -18.43 -1.44 36.53
N GLY B 140 -21.96 7.15 30.78
CA GLY B 140 -20.66 7.48 30.23
C GLY B 140 -20.27 6.42 29.22
N THR B 141 -18.98 6.36 28.90
CA THR B 141 -18.52 5.41 27.91
C THR B 141 -17.73 4.28 28.53
N ALA B 142 -18.37 3.13 28.69
CA ALA B 142 -17.67 1.97 29.23
C ALA B 142 -16.87 1.37 28.10
N ALA B 143 -15.86 0.58 28.43
CA ALA B 143 -15.03 -0.01 27.40
C ALA B 143 -14.90 -1.51 27.58
N LEU B 144 -15.16 -2.25 26.51
CA LEU B 144 -15.03 -3.69 26.55
C LEU B 144 -14.22 -4.08 25.33
N GLY B 145 -13.34 -5.06 25.48
CA GLY B 145 -12.51 -5.46 24.38
C GLY B 145 -11.92 -6.84 24.53
N CYS B 146 -11.39 -7.38 23.44
CA CYS B 146 -10.78 -8.70 23.49
C CYS B 146 -9.27 -8.56 23.42
N LEU B 147 -8.54 -9.61 23.79
CA LEU B 147 -7.10 -9.52 23.81
C LEU B 147 -6.55 -10.66 22.95
N VAL B 148 -6.80 -10.59 21.66
CA VAL B 148 -6.22 -11.59 20.79
C VAL B 148 -4.74 -11.68 21.16
N LYS B 149 -4.27 -12.87 21.54
CA LYS B 149 -2.89 -12.95 22.02
C LYS B 149 -2.14 -14.16 21.47
N ASP B 150 -0.83 -14.06 21.27
CA ASP B 150 0.03 -15.19 20.96
C ASP B 150 -0.23 -15.80 19.58
N TYR B 151 -0.47 -14.95 18.58
CA TYR B 151 -0.78 -15.47 17.25
C TYR B 151 0.32 -15.19 16.25
N PHE B 152 0.40 -16.01 15.22
CA PHE B 152 1.38 -15.79 14.17
C PHE B 152 0.95 -16.50 12.90
N PRO B 153 1.25 -15.90 11.74
CA PRO B 153 1.63 -14.50 11.60
C PRO B 153 0.42 -13.58 11.53
N GLU B 154 0.65 -12.30 11.21
CA GLU B 154 -0.45 -11.36 11.08
C GLU B 154 -1.16 -11.53 9.74
N PRO B 155 -2.31 -10.86 9.55
CA PRO B 155 -3.07 -10.07 10.53
C PRO B 155 -4.25 -10.84 11.09
N VAL B 156 -4.79 -10.40 12.22
CA VAL B 156 -5.98 -11.03 12.76
C VAL B 156 -7.12 -10.04 12.68
N THR B 157 -8.27 -10.48 12.20
CA THR B 157 -9.40 -9.57 12.03
C THR B 157 -10.36 -9.61 13.20
N VAL B 158 -10.28 -8.61 14.07
CA VAL B 158 -11.21 -8.54 15.16
C VAL B 158 -12.39 -7.74 14.65
N SER B 159 -13.60 -8.18 14.99
CA SER B 159 -14.78 -7.43 14.60
C SER B 159 -15.77 -7.59 15.73
N TRP B 160 -16.75 -6.69 15.77
CA TRP B 160 -17.65 -6.75 16.91
C TRP B 160 -19.11 -6.95 16.49
N ASN B 161 -19.86 -7.72 17.29
CA ASN B 161 -21.26 -7.98 17.00
C ASN B 161 -21.47 -8.11 15.49
N SER B 162 -20.83 -9.12 14.90
CA SER B 162 -21.04 -9.49 13.49
C SER B 162 -20.92 -8.29 12.54
N GLY B 163 -19.85 -7.50 12.68
CA GLY B 163 -19.60 -6.40 11.77
C GLY B 163 -20.57 -5.23 11.95
N ALA B 164 -21.67 -5.45 12.67
CA ALA B 164 -22.65 -4.41 12.89
C ALA B 164 -22.10 -3.27 13.75
N LEU B 165 -21.49 -3.64 14.89
CA LEU B 165 -20.98 -2.61 15.80
C LEU B 165 -19.67 -2.05 15.25
N THR B 166 -19.68 -0.76 14.91
CA THR B 166 -18.50 -0.16 14.30
C THR B 166 -18.09 1.15 14.99
N SER B 167 -19.09 1.91 15.46
CA SER B 167 -18.85 3.16 16.16
C SER B 167 -18.10 2.90 17.46
N GLY B 168 -17.05 3.70 17.69
CA GLY B 168 -16.29 3.64 18.93
C GLY B 168 -15.32 2.46 19.00
N VAL B 169 -15.19 1.68 17.92
CA VAL B 169 -14.27 0.54 17.89
C VAL B 169 -12.84 1.02 17.65
N HIS B 170 -11.88 0.47 18.43
CA HIS B 170 -10.47 0.70 18.12
C HIS B 170 -9.76 -0.63 18.18
N THR B 171 -9.25 -1.05 17.02
CA THR B 171 -8.41 -2.23 16.97
C THR B 171 -6.99 -1.71 16.79
N PHE B 172 -6.11 -2.08 17.71
CA PHE B 172 -4.78 -1.49 17.73
C PHE B 172 -3.85 -2.33 16.85
N PRO B 173 -2.75 -1.71 16.35
CA PRO B 173 -1.69 -2.46 15.70
C PRO B 173 -1.21 -3.55 16.65
N ALA B 174 -0.93 -4.73 16.10
CA ALA B 174 -0.34 -5.80 16.88
C ALA B 174 1.10 -5.45 17.26
N VAL B 175 1.56 -6.01 18.37
CA VAL B 175 2.95 -5.87 18.74
C VAL B 175 3.58 -7.25 18.72
N LEU B 176 4.87 -7.29 18.39
CA LEU B 176 5.63 -8.53 18.41
C LEU B 176 6.25 -8.66 19.79
N GLN B 177 5.83 -9.71 20.51
CA GLN B 177 6.34 -9.97 21.84
C GLN B 177 7.71 -10.64 21.76
N SER B 178 8.44 -10.62 22.89
CA SER B 178 9.77 -11.20 23.01
C SER B 178 9.77 -12.70 22.68
N SER B 179 8.58 -13.33 22.79
CA SER B 179 8.39 -14.73 22.42
C SER B 179 8.46 -14.95 20.91
N GLY B 180 8.37 -13.88 20.13
CA GLY B 180 8.27 -13.95 18.67
C GLY B 180 6.82 -14.15 18.18
N LEU B 181 5.85 -14.01 19.10
CA LEU B 181 4.44 -14.12 18.75
C LEU B 181 3.74 -12.77 18.88
N TYR B 182 2.68 -12.55 18.11
CA TYR B 182 1.96 -11.29 18.11
C TYR B 182 0.87 -11.22 19.16
N SER B 183 0.51 -9.99 19.54
CA SER B 183 -0.57 -9.75 20.49
C SER B 183 -1.29 -8.46 20.11
N LEU B 184 -2.63 -8.52 20.10
CA LEU B 184 -3.41 -7.38 19.65
C LEU B 184 -4.63 -7.21 20.54
N SER B 185 -4.97 -5.95 20.80
CA SER B 185 -6.20 -5.62 21.52
C SER B 185 -7.19 -4.90 20.62
N SER B 186 -8.46 -5.09 20.92
CA SER B 186 -9.52 -4.44 20.16
C SER B 186 -10.56 -4.07 21.17
N VAL B 187 -10.97 -2.81 21.16
CA VAL B 187 -11.90 -2.34 22.18
C VAL B 187 -12.99 -1.46 21.59
N VAL B 188 -14.18 -1.49 22.21
CA VAL B 188 -15.29 -0.73 21.66
C VAL B 188 -16.08 -0.03 22.74
N THR B 189 -15.65 1.16 23.11
CA THR B 189 -16.36 1.91 24.12
C THR B 189 -17.81 2.03 23.71
N VAL B 190 -18.71 1.74 24.63
CA VAL B 190 -20.14 1.79 24.32
C VAL B 190 -20.92 2.31 25.51
N PRO B 191 -22.17 2.73 25.28
CA PRO B 191 -23.00 3.25 26.36
C PRO B 191 -22.97 2.35 27.59
N SER B 192 -23.01 2.96 28.77
CA SER B 192 -22.98 2.18 30.00
C SER B 192 -24.12 1.19 30.08
N SER B 193 -25.34 1.66 29.82
CA SER B 193 -26.51 0.79 29.91
C SER B 193 -26.47 -0.31 28.87
N SER B 194 -25.85 -0.03 27.72
CA SER B 194 -25.81 -1.02 26.66
C SER B 194 -25.15 -2.33 27.10
N LEU B 195 -24.21 -2.24 28.03
CA LEU B 195 -23.50 -3.43 28.47
C LEU B 195 -24.48 -4.50 28.92
N GLY B 196 -25.54 -4.08 29.61
CA GLY B 196 -26.52 -5.02 30.11
C GLY B 196 -27.25 -5.81 29.04
N THR B 197 -27.72 -5.14 27.99
CA THR B 197 -28.51 -5.83 26.98
C THR B 197 -27.71 -6.14 25.72
N GLN B 198 -27.50 -5.13 24.88
CA GLN B 198 -26.76 -5.35 23.65
C GLN B 198 -25.57 -6.22 23.92
N THR B 199 -25.56 -7.42 23.37
CA THR B 199 -24.47 -8.33 23.60
C THR B 199 -23.31 -7.90 22.75
N TYR B 200 -22.09 -8.20 23.19
CA TYR B 200 -20.92 -7.87 22.41
C TYR B 200 -20.10 -9.12 22.22
N ILE B 201 -19.79 -9.46 20.98
CA ILE B 201 -19.07 -10.69 20.71
C ILE B 201 -17.94 -10.50 19.73
N CYS B 202 -16.71 -10.31 20.22
CA CYS B 202 -15.64 -10.04 19.27
C CYS B 202 -15.46 -11.25 18.35
N ASN B 203 -15.40 -10.97 17.04
CA ASN B 203 -15.23 -12.01 16.05
C ASN B 203 -13.79 -11.91 15.59
N VAL B 204 -13.01 -12.94 15.91
CA VAL B 204 -11.59 -12.96 15.62
C VAL B 204 -11.28 -14.02 14.56
N ASN B 205 -10.60 -13.61 13.48
CA ASN B 205 -10.19 -14.52 12.44
C ASN B 205 -8.69 -14.43 12.30
N HIS B 206 -8.05 -15.60 12.30
CA HIS B 206 -6.65 -15.70 11.93
C HIS B 206 -6.54 -16.69 10.78
N LYS B 207 -6.46 -16.17 9.55
CA LYS B 207 -6.55 -16.99 8.35
C LYS B 207 -5.41 -18.00 8.28
N PRO B 208 -4.15 -17.61 8.56
CA PRO B 208 -3.03 -18.54 8.44
C PRO B 208 -3.21 -19.87 9.17
N SER B 209 -3.90 -19.84 10.31
CA SER B 209 -4.14 -21.03 11.11
C SER B 209 -5.58 -21.55 10.95
N ASN B 210 -6.37 -20.89 10.09
CA ASN B 210 -7.80 -21.16 9.92
C ASN B 210 -8.53 -21.15 11.25
N THR B 211 -8.21 -20.17 12.09
CA THR B 211 -8.86 -20.00 13.39
C THR B 211 -9.95 -18.92 13.26
N LYS B 212 -11.15 -19.27 13.71
CA LYS B 212 -12.23 -18.31 13.87
C LYS B 212 -12.80 -18.48 15.27
N VAL B 213 -12.82 -17.37 16.01
CA VAL B 213 -13.31 -17.37 17.38
C VAL B 213 -14.31 -16.24 17.55
N ASP B 214 -15.46 -16.56 18.14
CA ASP B 214 -16.42 -15.58 18.61
C ASP B 214 -16.41 -15.63 20.12
N LYS B 215 -15.89 -14.59 20.76
CA LYS B 215 -15.87 -14.55 22.21
C LYS B 215 -16.82 -13.45 22.69
N ARG B 216 -17.61 -13.77 23.72
CA ARG B 216 -18.53 -12.77 24.23
C ARG B 216 -17.94 -12.06 25.45
N VAL B 217 -17.68 -10.76 25.29
CA VAL B 217 -17.13 -10.00 26.39
C VAL B 217 -18.33 -9.61 27.19
N GLU B 218 -18.27 -9.82 28.49
CA GLU B 218 -19.42 -9.62 29.33
C GLU B 218 -19.04 -8.96 30.63
N PRO B 219 -19.95 -8.12 31.15
CA PRO B 219 -19.69 -7.41 32.40
C PRO B 219 -19.28 -8.35 33.53
N LYS B 220 -18.23 -7.99 34.25
CA LYS B 220 -17.82 -8.72 35.43
C LYS B 220 -17.76 -10.21 35.16
N GLU C 2 6.22 -14.30 -39.63
CA GLU C 2 7.45 -13.54 -39.75
C GLU C 2 7.19 -12.05 -39.81
N LEU C 3 8.10 -11.26 -39.26
CA LEU C 3 7.97 -9.81 -39.30
C LEU C 3 9.05 -9.25 -40.20
N GLU C 4 8.68 -8.34 -41.08
CA GLU C 4 9.63 -7.78 -42.01
C GLU C 4 10.16 -6.47 -41.49
N THR C 5 11.44 -6.42 -41.19
CA THR C 5 12.04 -5.19 -40.69
C THR C 5 13.47 -5.09 -41.16
N SER C 6 13.84 -3.95 -41.74
CA SER C 6 15.22 -3.76 -42.14
C SER C 6 16.09 -3.82 -40.90
N ASP C 7 17.14 -4.61 -40.95
CA ASP C 7 17.99 -4.76 -39.80
C ASP C 7 18.48 -3.40 -39.35
N VAL C 8 18.93 -2.58 -40.30
CA VAL C 8 19.47 -1.28 -39.94
C VAL C 8 18.67 -0.12 -40.52
N VAL C 9 18.34 0.86 -39.70
CA VAL C 9 17.63 2.04 -40.18
C VAL C 9 18.49 3.25 -39.86
N THR C 10 18.64 4.15 -40.83
CA THR C 10 19.50 5.31 -40.61
C THR C 10 18.75 6.61 -40.87
N VAL C 11 18.75 7.48 -39.86
CA VAL C 11 18.07 8.76 -40.00
C VAL C 11 19.01 9.91 -39.68
N VAL C 12 19.08 10.89 -40.56
CA VAL C 12 19.90 12.05 -40.29
C VAL C 12 19.17 12.91 -39.27
N LEU C 13 19.89 13.78 -38.58
CA LEU C 13 19.28 14.61 -37.56
C LEU C 13 18.08 15.34 -38.15
N GLY C 14 17.05 15.54 -37.34
CA GLY C 14 15.89 16.26 -37.81
C GLY C 14 15.16 15.59 -38.95
N GLN C 15 15.02 14.26 -38.88
CA GLN C 15 14.27 13.55 -39.91
C GLN C 15 13.36 12.52 -39.28
N ASP C 16 12.27 12.19 -39.97
CA ASP C 16 11.32 11.21 -39.47
C ASP C 16 11.74 9.78 -39.81
N ALA C 17 12.65 9.21 -39.03
CA ALA C 17 13.12 7.85 -39.28
C ALA C 17 11.96 6.89 -39.30
N LYS C 18 11.87 6.08 -40.34
CA LYS C 18 10.74 5.16 -40.45
C LYS C 18 11.09 3.82 -39.89
N LEU C 19 10.53 3.48 -38.74
CA LEU C 19 10.76 2.19 -38.16
C LEU C 19 9.82 1.23 -38.84
N PRO C 20 10.34 0.29 -39.63
CA PRO C 20 9.46 -0.60 -40.39
C PRO C 20 9.13 -1.90 -39.68
N CYS C 21 7.88 -2.35 -39.77
CA CYS C 21 7.50 -3.63 -39.18
C CYS C 21 6.30 -4.18 -39.92
N PHE C 22 6.55 -4.89 -41.01
CA PHE C 22 5.45 -5.43 -41.81
C PHE C 22 5.28 -6.93 -41.63
N TYR C 23 4.09 -7.35 -41.22
CA TYR C 23 3.84 -8.77 -41.03
C TYR C 23 3.23 -9.39 -42.27
N ARG C 24 3.57 -10.64 -42.54
CA ARG C 24 3.03 -11.32 -43.71
C ARG C 24 1.67 -11.92 -43.40
N GLN C 30 -5.16 -11.33 -38.76
CA GLN C 30 -4.57 -10.02 -38.93
C GLN C 30 -3.79 -9.61 -37.68
N VAL C 31 -2.73 -8.84 -37.86
CA VAL C 31 -1.99 -8.35 -36.70
C VAL C 31 -2.94 -7.66 -35.73
N GLY C 32 -2.98 -8.14 -34.50
CA GLY C 32 -3.88 -7.55 -33.52
C GLY C 32 -3.29 -6.31 -32.91
N GLN C 33 -1.98 -6.31 -32.71
CA GLN C 33 -1.31 -5.15 -32.10
C GLN C 33 0.17 -5.20 -32.35
N VAL C 34 0.80 -4.03 -32.49
CA VAL C 34 2.22 -4.01 -32.66
C VAL C 34 2.72 -3.20 -31.50
N ALA C 35 3.93 -3.50 -31.05
CA ALA C 35 4.54 -2.67 -30.03
C ALA C 35 5.99 -2.41 -30.42
N TRP C 36 6.47 -1.23 -30.08
CA TRP C 36 7.86 -0.98 -30.32
C TRP C 36 8.47 -0.62 -28.98
N ALA C 37 9.75 -0.94 -28.84
CA ALA C 37 10.44 -0.64 -27.59
C ALA C 37 11.89 -0.40 -27.87
N ARG C 38 12.58 0.26 -26.96
CA ARG C 38 14.00 0.46 -27.14
C ARG C 38 14.74 -0.56 -26.31
N VAL C 39 15.21 -1.62 -26.93
CA VAL C 39 15.87 -2.68 -26.21
C VAL C 39 17.37 -2.54 -26.35
N ASP C 40 18.00 -1.95 -25.35
CA ASP C 40 19.44 -1.72 -25.43
C ASP C 40 20.12 -2.18 -24.16
N ALA C 41 19.68 -1.66 -23.02
CA ALA C 41 20.29 -2.02 -21.76
C ALA C 41 19.32 -1.82 -20.61
N GLY C 42 19.81 -1.93 -19.39
CA GLY C 42 18.93 -1.79 -18.24
C GLY C 42 18.24 -0.45 -18.26
N GLU C 43 19.01 0.60 -18.44
CA GLU C 43 18.42 1.93 -18.55
C GLU C 43 17.72 2.06 -19.88
N GLY C 44 18.34 1.51 -20.93
CA GLY C 44 17.75 1.58 -22.25
C GLY C 44 16.83 0.41 -22.45
N ALA C 45 15.77 0.33 -21.66
CA ALA C 45 14.81 -0.72 -21.81
C ALA C 45 13.48 -0.05 -21.67
N GLN C 46 13.09 0.72 -22.68
CA GLN C 46 11.87 1.49 -22.56
C GLN C 46 10.91 1.29 -23.70
N GLU C 47 9.63 1.21 -23.39
CA GLU C 47 8.63 1.08 -24.43
C GLU C 47 8.54 2.37 -25.22
N LEU C 48 8.40 2.28 -26.53
CA LEU C 48 8.37 3.48 -27.35
C LEU C 48 6.96 3.77 -27.84
N ALA C 49 6.26 2.79 -28.40
CA ALA C 49 4.89 3.08 -28.78
C ALA C 49 4.08 1.81 -28.94
N LEU C 50 2.77 1.90 -28.80
CA LEU C 50 1.90 0.72 -28.96
C LEU C 50 0.82 0.97 -30.00
N LEU C 51 1.01 0.42 -31.19
CA LEU C 51 0.05 0.64 -32.26
C LEU C 51 -0.88 -0.52 -31.98
N HIS C 52 -1.98 -0.24 -31.29
CA HIS C 52 -2.95 -1.30 -31.00
C HIS C 52 -3.92 -1.05 -32.14
N SER C 53 -4.34 -2.11 -32.82
CA SER C 53 -5.22 -1.96 -33.98
C SER C 53 -6.59 -1.39 -33.63
N LYS C 54 -7.11 -1.76 -32.47
CA LYS C 54 -8.46 -1.32 -32.11
C LYS C 54 -8.53 0.04 -31.42
N TYR C 55 -7.39 0.53 -30.91
CA TYR C 55 -7.41 1.79 -30.16
C TYR C 55 -6.45 2.83 -30.71
N GLY C 56 -5.60 2.44 -31.65
CA GLY C 56 -4.68 3.38 -32.25
C GLY C 56 -3.25 3.34 -31.74
N LEU C 57 -2.55 4.47 -31.84
CA LEU C 57 -1.16 4.52 -31.42
C LEU C 57 -1.22 5.08 -30.01
N HIS C 58 -0.34 4.61 -29.14
CA HIS C 58 -0.27 5.13 -27.79
C HIS C 58 1.19 5.29 -27.41
N VAL C 59 1.80 6.41 -27.80
CA VAL C 59 3.22 6.60 -27.54
C VAL C 59 3.45 6.68 -26.04
N SER C 60 4.66 6.35 -25.60
CA SER C 60 4.99 6.41 -24.18
C SER C 60 5.30 7.82 -23.77
N PRO C 61 5.33 8.09 -22.45
CA PRO C 61 5.56 9.44 -21.97
C PRO C 61 6.76 10.23 -22.50
N ALA C 62 7.83 9.55 -22.88
CA ALA C 62 9.03 10.25 -23.30
C ALA C 62 9.14 10.42 -24.81
N TYR C 63 8.10 10.04 -25.54
CA TYR C 63 8.12 10.14 -26.99
C TYR C 63 6.80 10.64 -27.54
N GLU C 64 5.90 11.06 -26.66
CA GLU C 64 4.57 11.45 -27.11
C GLU C 64 4.56 12.38 -28.31
N GLY C 65 5.63 13.15 -28.50
CA GLY C 65 5.71 14.02 -29.66
C GLY C 65 6.53 13.58 -30.85
N ARG C 66 7.57 12.79 -30.62
CA ARG C 66 8.47 12.39 -31.72
C ARG C 66 8.11 11.05 -32.35
N VAL C 67 6.90 10.55 -32.08
CA VAL C 67 6.51 9.25 -32.60
C VAL C 67 5.10 9.28 -33.19
N GLU C 68 4.99 8.97 -34.48
CA GLU C 68 3.68 8.98 -35.14
C GLU C 68 3.62 7.95 -36.25
N GLN C 69 2.45 7.36 -36.47
CA GLN C 69 2.31 6.32 -37.48
C GLN C 69 2.02 6.91 -38.85
N PRO C 70 2.41 6.20 -39.90
CA PRO C 70 2.26 6.67 -41.28
C PRO C 70 0.82 6.99 -41.63
N PRO C 71 0.61 7.93 -42.55
CA PRO C 71 -0.71 8.48 -42.90
C PRO C 71 -1.62 7.44 -43.53
N PRO C 72 -2.94 7.57 -43.35
CA PRO C 72 -3.83 6.52 -43.86
C PRO C 72 -3.70 6.29 -45.36
N PRO C 73 -4.25 5.17 -45.85
CA PRO C 73 -4.40 3.95 -45.06
C PRO C 73 -3.24 2.99 -45.26
N ARG C 74 -2.44 2.79 -44.23
CA ARG C 74 -1.30 1.89 -44.32
C ARG C 74 -1.67 0.52 -43.80
N ASN C 75 -2.69 0.46 -42.95
CA ASN C 75 -3.09 -0.81 -42.34
C ASN C 75 -3.84 -1.48 -43.47
N PRO C 76 -3.94 -2.81 -43.43
CA PRO C 76 -3.58 -3.66 -42.29
C PRO C 76 -2.12 -4.07 -42.34
N LEU C 77 -1.66 -4.74 -41.28
CA LEU C 77 -0.44 -5.51 -41.32
C LEU C 77 0.76 -4.60 -41.55
N ASP C 78 0.54 -3.30 -41.42
CA ASP C 78 1.63 -2.35 -41.39
C ASP C 78 1.73 -1.76 -39.98
N GLY C 79 2.83 -2.06 -39.31
CA GLY C 79 3.03 -1.62 -37.95
C GLY C 79 4.10 -0.55 -37.91
N SER C 80 4.28 0.13 -39.03
CA SER C 80 5.31 1.13 -39.11
C SER C 80 5.03 2.27 -38.15
N VAL C 81 6.10 2.84 -37.62
CA VAL C 81 6.00 4.04 -36.82
C VAL C 81 7.27 4.83 -37.07
N LEU C 82 7.11 6.14 -37.21
CA LEU C 82 8.18 7.04 -37.65
C LEU C 82 8.68 7.85 -36.46
N LEU C 83 9.99 7.82 -36.26
CA LEU C 83 10.60 8.54 -35.15
C LEU C 83 11.23 9.80 -35.71
N ARG C 84 10.43 10.87 -35.81
CA ARG C 84 10.94 12.13 -36.35
C ARG C 84 11.81 12.99 -35.46
N ASN C 85 12.36 14.05 -36.06
CA ASN C 85 13.26 14.91 -35.31
C ASN C 85 14.11 13.99 -34.39
N ALA C 86 14.88 13.14 -35.07
CA ALA C 86 15.60 12.10 -34.38
C ALA C 86 16.76 12.81 -33.70
N VAL C 87 17.08 12.36 -32.49
CA VAL C 87 18.18 12.95 -31.74
C VAL C 87 19.33 11.96 -31.70
N GLN C 88 20.57 12.48 -31.64
CA GLN C 88 21.72 11.60 -31.65
C GLN C 88 21.57 10.49 -30.62
N ALA C 89 20.90 10.80 -29.50
CA ALA C 89 20.70 9.82 -28.45
C ALA C 89 19.72 8.72 -28.90
N ASP C 90 18.74 9.10 -29.72
CA ASP C 90 17.73 8.16 -30.15
C ASP C 90 18.41 6.90 -30.63
N GLU C 91 19.60 7.06 -31.22
CA GLU C 91 20.38 5.93 -31.69
C GLU C 91 20.28 4.75 -30.74
N GLY C 92 19.89 3.58 -31.25
CA GLY C 92 19.78 2.40 -30.41
C GLY C 92 18.94 1.29 -31.04
N GLU C 93 19.11 0.08 -30.54
CA GLU C 93 18.41 -1.03 -31.14
C GLU C 93 17.00 -1.03 -30.61
N TYR C 94 16.04 -1.30 -31.47
CA TYR C 94 14.65 -1.37 -31.05
C TYR C 94 14.15 -2.73 -31.43
N GLU C 95 12.88 -3.01 -31.17
CA GLU C 95 12.33 -4.32 -31.46
C GLU C 95 10.82 -4.27 -31.54
N CYS C 96 10.30 -4.82 -32.62
CA CYS C 96 8.87 -4.84 -32.80
C CYS C 96 8.39 -6.12 -32.22
N ARG C 97 7.14 -6.14 -31.87
CA ARG C 97 6.55 -7.37 -31.43
C ARG C 97 5.31 -7.24 -32.23
N VAL C 98 5.02 -8.21 -33.08
CA VAL C 98 3.78 -8.18 -33.81
C VAL C 98 3.10 -9.35 -33.22
N SER C 99 1.96 -9.12 -32.62
CA SER C 99 1.32 -10.20 -31.90
C SER C 99 0.09 -10.62 -32.66
N THR C 100 0.31 -11.43 -33.69
CA THR C 100 -0.73 -11.73 -34.67
C THR C 100 -1.79 -12.61 -34.07
N PHE C 101 -3.05 -12.19 -34.22
CA PHE C 101 -4.18 -12.98 -33.76
C PHE C 101 -5.26 -13.01 -34.84
N PRO C 102 -5.78 -14.21 -35.14
CA PRO C 102 -6.03 -15.29 -34.19
C PRO C 102 -4.92 -16.33 -34.11
N ALA C 103 -3.68 -15.91 -34.38
CA ALA C 103 -2.58 -16.87 -34.49
C ALA C 103 -1.25 -16.39 -33.93
N GLY C 104 -1.14 -16.31 -32.60
CA GLY C 104 0.15 -16.32 -31.94
C GLY C 104 0.90 -15.00 -31.77
N SER C 105 2.23 -15.10 -31.75
CA SER C 105 3.07 -13.96 -31.39
C SER C 105 4.45 -14.01 -32.05
N PHE C 106 5.14 -12.88 -32.04
CA PHE C 106 6.37 -12.70 -32.82
C PHE C 106 7.21 -11.58 -32.24
N GLN C 107 8.38 -11.33 -32.82
CA GLN C 107 9.13 -10.10 -32.55
C GLN C 107 10.35 -9.95 -33.45
N ALA C 108 10.73 -8.72 -33.75
CA ALA C 108 11.89 -8.52 -34.62
C ALA C 108 12.75 -7.37 -34.12
N ARG C 109 14.06 -7.51 -34.17
CA ARG C 109 14.89 -6.38 -33.79
C ARG C 109 15.12 -5.44 -34.96
N LEU C 110 15.86 -4.38 -34.69
CA LEU C 110 16.13 -3.32 -35.65
C LEU C 110 17.26 -2.50 -35.07
N ARG C 111 17.84 -1.63 -35.87
CA ARG C 111 18.72 -0.61 -35.34
C ARG C 111 18.42 0.73 -35.97
N LEU C 112 18.54 1.79 -35.19
CA LEU C 112 18.54 3.14 -35.73
C LEU C 112 19.89 3.77 -35.44
N ARG C 113 20.57 4.22 -36.49
CA ARG C 113 21.84 4.89 -36.33
C ARG C 113 21.79 6.35 -36.81
N VAL C 114 21.40 7.23 -35.90
CA VAL C 114 21.32 8.65 -36.21
C VAL C 114 22.71 9.18 -36.43
#